data_7YS7
#
_entry.id   7YS7
#
_entity_poly.entity_id   1
_entity_poly.type   'polydeoxyribonucleotide'
_entity_poly.pdbx_seq_one_letter_code
;(DG)(DG)(DG)(DG)(DC)(DG)(DG)(DG)(DG)(DC)(DG)(DG)(DG)(DG)(DC)(DG)(DG)(DG)(DG)(DT)
;
_entity_poly.pdbx_strand_id   A
#